data_2WYJ
#
_entry.id   2WYJ
#
_cell.length_a   56.564
_cell.length_b   72.485
_cell.length_c   78.177
_cell.angle_alpha   90.00
_cell.angle_beta   90.00
_cell.angle_gamma   90.00
#
_symmetry.space_group_name_H-M   'P 21 21 21'
#
loop_
_entity.id
_entity.type
_entity.pdbx_description
1 polymer 'ACTIVATED FACTOR XA HEAVY CHAIN'
2 polymer 'FACTOR X LIGHT CHAIN'
3 non-polymer (E)-2-(5-CHLOROTHIOPHEN-2-YL)-N-[(3S)-1-{4-[(1S)-1-(DIMETHYLAMINO)ETHYL]-2-FLUOROPHENYL}-2-OXOPYRROLIDIN-3-YL]ETHENESULFONAMIDE
4 water water
#
loop_
_entity_poly.entity_id
_entity_poly.type
_entity_poly.pdbx_seq_one_letter_code
_entity_poly.pdbx_strand_id
1 'polypeptide(L)'
;IVGGQECKDGECPWQALLINEENEGFCGGTILSEFYILTAAHCLYQAKRFKVRVGDRNTEQEEGGEAVHEVEVVIKHNRF
TKETYDFDIAVLRLKTPITFRMNVAPACLPERDWAESTLMTQKTGIVSGFGRTHEKGRQSTRLKMLEVPYVDRNSCKLSS
SFIITQNMFCAGYDTKQEDACQGDSGGPHVTRFKDTYFVTGIVSWGEGCARKGKYGIYTKVTAFLKWIDRSMKTRGLPKA
KSHAPEVITSSPLK
;
A
2 'polypeptide(L)'
;EEMKKGHLERECMEETCSYEEAREVFEDSDKTNEFWNKYKDGDQCETSPCQNQGKCKDGLGEYTCTCLEGFEGKNCELFT
RKLCSLDNGDCDQFCHEEQNSVVCSCARGYTLADNGKACIPTGPYPCGKQTLER
;
B
#
# COMPACT_ATOMS: atom_id res chain seq x y z
N ILE A 1 12.22 -2.47 6.87
CA ILE A 1 11.69 -3.84 6.99
C ILE A 1 12.71 -4.69 7.74
N VAL A 2 12.25 -5.45 8.72
CA VAL A 2 13.03 -6.38 9.51
C VAL A 2 12.62 -7.73 8.98
N GLY A 3 13.60 -8.54 8.55
CA GLY A 3 13.32 -9.81 7.90
C GLY A 3 12.97 -9.55 6.45
N GLY A 4 12.19 -10.45 5.86
CA GLY A 4 11.77 -10.28 4.50
C GLY A 4 12.90 -10.38 3.53
N GLN A 5 12.59 -10.17 2.25
CA GLN A 5 13.56 -10.29 1.21
C GLN A 5 13.66 -8.98 0.43
N GLU A 6 14.76 -8.82 -0.27
CA GLU A 6 15.00 -7.68 -1.11
C GLU A 6 13.95 -7.65 -2.27
N CYS A 7 13.49 -6.45 -2.66
CA CYS A 7 12.62 -6.37 -3.83
C CYS A 7 13.50 -6.50 -5.04
N LYS A 8 13.23 -7.47 -5.88
CA LYS A 8 14.03 -7.70 -7.07
C LYS A 8 13.49 -6.85 -8.22
N ASP A 9 14.22 -6.82 -9.33
CA ASP A 9 13.88 -5.98 -10.48
C ASP A 9 12.40 -6.03 -10.83
N GLY A 10 11.71 -4.90 -10.67
CA GLY A 10 10.31 -4.82 -11.07
C GLY A 10 9.28 -5.47 -10.17
N GLU A 11 9.66 -5.85 -8.95
CA GLU A 11 8.73 -6.50 -8.04
C GLU A 11 7.91 -5.53 -7.17
N CYS A 12 8.43 -4.34 -6.92
CA CYS A 12 7.76 -3.39 -6.05
C CYS A 12 7.71 -2.06 -6.78
N PRO A 13 7.12 -2.05 -7.97
CA PRO A 13 7.21 -0.84 -8.79
C PRO A 13 6.40 0.35 -8.26
N TRP A 14 5.44 0.09 -7.38
CA TRP A 14 4.60 1.16 -6.85
C TRP A 14 5.20 1.81 -5.63
N GLN A 15 6.39 1.40 -5.21
CA GLN A 15 7.04 2.01 -4.04
C GLN A 15 7.44 3.47 -4.31
N ALA A 16 7.12 4.35 -3.36
CA ALA A 16 7.57 5.73 -3.43
C ALA A 16 8.37 5.96 -2.15
N LEU A 17 9.32 6.89 -2.20
CA LEU A 17 10.14 7.23 -1.04
C LEU A 17 10.13 8.74 -0.82
N LEU A 18 9.82 9.17 0.41
CA LEU A 18 9.81 10.60 0.73
C LEU A 18 11.19 11.00 1.24
N ILE A 19 11.77 11.99 0.60
CA ILE A 19 13.13 12.40 0.92
C ILE A 19 13.20 13.84 1.42
N ASN A 20 13.91 14.03 2.52
CA ASN A 20 14.07 15.38 3.07
C ASN A 20 15.08 16.19 2.23
N GLU A 21 15.31 17.44 2.63
CA GLU A 21 16.20 18.34 1.90
C GLU A 21 17.61 17.79 1.70
N GLU A 22 18.00 16.81 2.52
CA GLU A 22 19.31 16.17 2.44
C GLU A 22 19.27 14.87 1.63
N ASN A 23 18.24 14.70 0.81
CA ASN A 23 18.06 13.48 0.04
C ASN A 23 18.03 12.20 0.89
N GLU A 24 17.55 12.34 2.12
CA GLU A 24 17.39 11.17 3.00
C GLU A 24 15.93 10.73 3.12
N GLY A 25 15.73 9.42 3.01
CA GLY A 25 14.41 8.84 3.11
C GLY A 25 13.96 8.82 4.54
N PHE A 26 12.72 9.25 4.77
CA PHE A 26 12.16 9.20 6.11
C PHE A 26 10.81 8.47 6.13
N CYS A 27 10.15 8.39 4.97
CA CYS A 27 8.86 7.70 4.83
C CYS A 27 8.67 7.18 3.41
N GLY A 28 7.77 6.21 3.25
CA GLY A 28 7.42 5.68 1.94
C GLY A 28 6.09 6.24 1.52
N GLY A 29 5.62 5.79 0.37
CA GLY A 29 4.34 6.19 -0.18
C GLY A 29 4.05 5.17 -1.25
N THR A 30 2.83 5.18 -1.77
CA THR A 30 2.43 4.24 -2.83
C THR A 30 2.00 5.06 -4.04
N ILE A 31 2.49 4.67 -5.21
CA ILE A 31 2.12 5.32 -6.44
C ILE A 31 0.71 4.87 -6.82
N LEU A 32 -0.18 5.84 -6.95
CA LEU A 32 -1.57 5.58 -7.31
C LEU A 32 -1.89 5.90 -8.77
N SER A 33 -1.06 6.72 -9.41
CA SER A 33 -1.26 7.15 -10.79
C SER A 33 -0.12 8.12 -11.14
N GLU A 34 -0.10 8.66 -12.34
CA GLU A 34 1.02 9.51 -12.72
C GLU A 34 1.25 10.76 -11.86
N PHE A 35 0.18 11.28 -11.26
CA PHE A 35 0.28 12.48 -10.42
C PHE A 35 0.08 12.27 -8.94
N TYR A 36 -0.36 11.09 -8.51
CA TYR A 36 -0.71 10.87 -7.10
C TYR A 36 0.02 9.77 -6.29
N ILE A 37 0.48 10.18 -5.11
CA ILE A 37 1.15 9.31 -4.18
C ILE A 37 0.24 9.21 -2.97
N LEU A 38 0.15 8.00 -2.39
CA LEU A 38 -0.56 7.77 -1.14
C LEU A 38 0.47 7.59 -0.05
N THR A 39 0.23 8.20 1.11
CA THR A 39 1.12 8.07 2.26
C THR A 39 0.36 8.27 3.59
N ALA A 40 1.09 8.21 4.70
CA ALA A 40 0.51 8.43 6.02
C ALA A 40 0.52 9.93 6.37
N ALA A 41 -0.54 10.42 7.01
CA ALA A 41 -0.60 11.83 7.41
C ALA A 41 0.50 12.18 8.40
N HIS A 42 0.80 11.28 9.32
CA HIS A 42 1.80 11.57 10.32
C HIS A 42 3.17 11.84 9.72
N CYS A 43 3.41 11.34 8.51
CA CYS A 43 4.69 11.57 7.83
C CYS A 43 4.90 13.05 7.49
N LEU A 44 3.81 13.76 7.26
CA LEU A 44 3.87 15.18 6.89
C LEU A 44 4.45 16.09 7.98
N TYR A 45 4.73 15.52 9.16
CA TYR A 45 5.29 16.27 10.28
C TYR A 45 6.78 15.99 10.45
N GLN A 46 7.28 14.98 9.76
CA GLN A 46 8.68 14.57 9.93
C GLN A 46 9.74 15.27 9.06
N ALA A 47 9.32 16.35 8.39
CA ALA A 47 10.22 17.15 7.54
C ALA A 47 9.53 18.46 7.12
N LYS A 48 10.28 19.57 7.10
CA LYS A 48 9.70 20.86 6.67
C LYS A 48 9.21 20.74 5.23
N ARG A 49 10.18 20.54 4.34
CA ARG A 49 9.92 20.43 2.91
C ARG A 49 10.44 19.06 2.50
N PHE A 50 9.79 18.44 1.51
CA PHE A 50 10.22 17.12 1.02
C PHE A 50 9.86 16.91 -0.45
N LYS A 51 10.50 15.95 -1.09
CA LYS A 51 10.20 15.59 -2.47
C LYS A 51 9.86 14.10 -2.49
N VAL A 52 9.39 13.60 -3.63
CA VAL A 52 9.07 12.20 -3.76
C VAL A 52 9.96 11.47 -4.76
N ARG A 53 10.65 10.44 -4.30
CA ARG A 53 11.49 9.63 -5.18
C ARG A 53 10.84 8.28 -5.54
N VAL A 54 10.84 7.95 -6.83
CA VAL A 54 10.28 6.68 -7.32
C VAL A 54 11.32 5.94 -8.16
N GLY A 55 11.06 4.67 -8.45
CA GLY A 55 11.91 3.89 -9.33
C GLY A 55 13.24 3.53 -8.72
N ASP A 56 13.37 3.82 -7.44
CA ASP A 56 14.61 3.59 -6.74
C ASP A 56 14.59 2.25 -5.98
N ARG A 57 15.67 1.47 -6.06
CA ARG A 57 15.76 0.21 -5.32
C ARG A 57 17.00 0.17 -4.42
N ASN A 58 18.03 0.88 -4.86
CA ASN A 58 19.30 1.00 -4.17
C ASN A 58 19.59 2.49 -4.04
N THR A 59 19.45 3.03 -2.83
CA THR A 59 19.64 4.48 -2.58
C THR A 59 21.07 4.98 -2.72
N GLU A 60 21.97 4.13 -3.20
CA GLU A 60 23.38 4.50 -3.42
C GLU A 60 23.75 4.64 -4.89
N GLN A 61 23.17 3.77 -5.73
CA GLN A 61 23.43 3.81 -7.17
C GLN A 61 22.22 4.34 -7.95
N GLU A 62 22.47 5.24 -8.89
CA GLU A 62 21.42 5.83 -9.70
C GLU A 62 21.27 5.10 -11.02
N GLU A 66 15.24 5.59 -10.90
CA GLU A 66 15.25 6.81 -10.09
C GLU A 66 14.74 8.05 -10.84
N ALA A 67 13.88 8.83 -10.16
CA ALA A 67 13.33 10.08 -10.67
C ALA A 67 12.74 10.84 -9.48
N VAL A 68 13.13 12.10 -9.34
CA VAL A 68 12.69 12.94 -8.23
C VAL A 68 11.51 13.80 -8.65
N HIS A 69 10.44 13.76 -7.88
CA HIS A 69 9.27 14.58 -8.16
C HIS A 69 8.97 15.52 -7.02
N GLU A 70 8.46 16.69 -7.37
CA GLU A 70 8.12 17.65 -6.36
C GLU A 70 6.65 17.63 -6.12
N VAL A 71 6.28 18.01 -4.91
CA VAL A 71 4.91 17.99 -4.47
C VAL A 71 4.25 19.32 -4.76
N GLU A 72 3.08 19.29 -5.35
CA GLU A 72 2.36 20.51 -5.63
C GLU A 72 1.31 20.75 -4.56
N VAL A 73 0.56 19.71 -4.24
CA VAL A 73 -0.51 19.82 -3.26
C VAL A 73 -0.40 18.69 -2.25
N VAL A 74 -0.44 19.03 -0.97
CA VAL A 74 -0.47 18.02 0.07
C VAL A 74 -1.90 18.00 0.61
N ILE A 75 -2.59 16.87 0.43
CA ILE A 75 -3.98 16.71 0.89
C ILE A 75 -4.04 15.76 2.08
N LYS A 76 -4.21 16.35 3.25
CA LYS A 76 -4.19 15.60 4.49
C LYS A 76 -5.62 15.39 4.95
N HIS A 77 -5.91 14.26 5.59
CA HIS A 77 -7.25 14.00 6.09
C HIS A 77 -7.43 14.90 7.31
N ASN A 78 -8.45 15.75 7.28
CA ASN A 78 -8.69 16.72 8.36
C ASN A 78 -8.87 16.11 9.75
N ARG A 79 -9.28 14.83 9.81
CA ARG A 79 -9.55 14.22 11.10
C ARG A 79 -8.38 13.48 11.73
N PHE A 80 -7.21 13.53 11.10
CA PHE A 80 -6.04 12.86 11.67
C PHE A 80 -5.62 13.47 13.01
N THR A 81 -5.34 12.61 14.00
CA THR A 81 -4.85 13.08 15.29
C THR A 81 -3.59 12.35 15.75
N LYS A 82 -2.59 13.15 16.08
CA LYS A 82 -1.30 12.66 16.53
C LYS A 82 -1.51 11.85 17.82
N GLU A 83 -2.69 12.01 18.41
CA GLU A 83 -3.04 11.41 19.70
C GLU A 83 -3.27 9.89 19.63
N THR A 84 -3.94 9.45 18.57
CA THR A 84 -4.31 8.05 18.40
C THR A 84 -3.90 7.50 17.03
N TYR A 85 -3.46 8.38 16.13
CA TYR A 85 -3.12 8.03 14.75
C TYR A 85 -4.30 7.55 13.91
N ASP A 86 -5.50 8.02 14.25
CA ASP A 86 -6.69 7.65 13.52
C ASP A 86 -6.67 8.50 12.26
N PHE A 87 -7.27 8.02 11.17
CA PHE A 87 -7.25 8.77 9.93
C PHE A 87 -5.80 9.09 9.48
N ASP A 88 -4.89 8.12 9.64
CA ASP A 88 -3.50 8.35 9.26
C ASP A 88 -3.39 8.07 7.76
N ILE A 89 -3.76 9.09 6.97
CA ILE A 89 -3.78 8.97 5.52
C ILE A 89 -3.64 10.32 4.82
N ALA A 90 -2.84 10.37 3.78
CA ALA A 90 -2.71 11.58 3.01
C ALA A 90 -2.46 11.23 1.56
N VAL A 91 -2.78 12.16 0.67
CA VAL A 91 -2.53 11.99 -0.75
C VAL A 91 -1.74 13.16 -1.26
N LEU A 92 -0.67 12.87 -1.98
CA LEU A 92 0.22 13.89 -2.54
C LEU A 92 0.00 14.06 -4.02
N ARG A 93 -0.31 15.27 -4.47
CA ARG A 93 -0.35 15.48 -5.91
C ARG A 93 0.98 16.04 -6.37
N LEU A 94 1.57 15.48 -7.41
CA LEU A 94 2.89 15.93 -7.86
C LEU A 94 2.85 17.06 -8.89
N LYS A 95 3.94 17.81 -9.02
CA LYS A 95 4.02 18.89 -10.04
C LYS A 95 4.20 18.32 -11.44
N THR A 96 4.99 17.25 -11.56
CA THR A 96 5.21 16.62 -12.85
C THR A 96 4.73 15.16 -12.82
N PRO A 97 4.12 14.68 -13.93
CA PRO A 97 3.65 13.28 -13.98
C PRO A 97 4.79 12.27 -13.89
N ILE A 98 4.55 11.14 -13.21
CA ILE A 98 5.53 10.07 -13.12
C ILE A 98 5.59 9.36 -14.47
N THR A 99 6.79 9.03 -14.94
CA THR A 99 6.93 8.27 -16.18
C THR A 99 6.98 6.80 -15.83
N PHE A 100 5.95 6.04 -16.19
CA PHE A 100 5.97 4.62 -15.87
C PHE A 100 7.02 3.89 -16.69
N ARG A 101 7.70 2.95 -16.07
CA ARG A 101 8.77 2.22 -16.73
C ARG A 101 9.08 1.06 -15.80
N MET A 102 10.07 0.26 -16.17
CA MET A 102 10.47 -0.84 -15.33
C MET A 102 10.68 -0.26 -13.94
N ASN A 103 10.13 -0.90 -12.92
CA ASN A 103 10.29 -0.41 -11.57
C ASN A 103 9.48 0.82 -11.16
N VAL A 104 8.75 1.43 -12.08
CA VAL A 104 7.88 2.53 -11.72
C VAL A 104 6.51 2.28 -12.32
N ALA A 105 5.55 1.96 -11.47
CA ALA A 105 4.21 1.64 -11.93
C ALA A 105 3.26 1.81 -10.75
N PRO A 106 1.96 2.07 -11.01
CA PRO A 106 1.01 2.25 -9.89
C PRO A 106 0.37 0.94 -9.35
N ALA A 107 0.00 0.92 -8.08
CA ALA A 107 -0.75 -0.18 -7.51
C ALA A 107 -2.22 0.11 -7.78
N CYS A 108 -3.05 -0.92 -7.90
CA CYS A 108 -4.46 -0.67 -8.16
C CYS A 108 -5.24 -0.33 -6.89
N LEU A 109 -6.31 0.44 -7.07
CA LEU A 109 -7.23 0.76 -5.99
C LEU A 109 -8.40 -0.17 -6.22
N PRO A 110 -8.78 -0.93 -5.18
CA PRO A 110 -9.88 -1.85 -5.30
C PRO A 110 -11.23 -1.16 -5.03
N GLU A 111 -12.33 -1.87 -5.22
CA GLU A 111 -13.63 -1.36 -4.81
C GLU A 111 -13.81 -1.85 -3.40
N ARG A 112 -14.50 -1.05 -2.58
CA ARG A 112 -14.63 -1.32 -1.14
C ARG A 112 -15.19 -2.68 -0.75
N ASP A 113 -16.37 -3.03 -1.23
CA ASP A 113 -16.99 -4.30 -0.83
C ASP A 113 -16.14 -5.49 -1.21
N TRP A 114 -15.73 -5.52 -2.47
CA TRP A 114 -14.89 -6.60 -2.96
C TRP A 114 -13.57 -6.67 -2.16
N ALA A 115 -12.95 -5.52 -1.92
CA ALA A 115 -11.74 -5.45 -1.11
C ALA A 115 -11.95 -6.10 0.25
N GLU A 116 -13.04 -5.74 0.93
CA GLU A 116 -13.30 -6.28 2.27
C GLU A 116 -13.56 -7.79 2.24
N SER A 117 -14.47 -8.23 1.39
CA SER A 117 -14.79 -9.66 1.31
C SER A 117 -13.71 -10.51 0.65
N THR A 118 -13.00 -9.95 -0.34
CA THR A 118 -12.01 -10.76 -1.06
C THR A 118 -10.54 -10.48 -0.86
N LEU A 119 -10.17 -9.22 -0.68
CA LEU A 119 -8.76 -8.93 -0.48
C LEU A 119 -8.35 -9.10 0.98
N MET A 120 -9.14 -8.54 1.91
CA MET A 120 -8.76 -8.62 3.31
C MET A 120 -8.96 -9.96 4.00
N THR A 121 -9.54 -10.91 3.27
CA THR A 121 -9.75 -12.25 3.77
C THR A 121 -8.72 -13.22 3.22
N GLN A 122 -7.77 -12.72 2.42
CA GLN A 122 -6.65 -13.56 1.92
C GLN A 122 -5.79 -13.80 3.14
N LYS A 123 -4.87 -14.76 3.04
CA LYS A 123 -4.01 -15.06 4.17
C LYS A 123 -2.99 -13.96 4.43
N THR A 124 -2.43 -13.41 3.36
CA THR A 124 -1.33 -12.44 3.52
C THR A 124 -1.39 -11.23 2.60
N GLY A 125 -0.57 -10.25 2.95
CA GLY A 125 -0.37 -9.05 2.16
C GLY A 125 1.12 -8.81 2.09
N ILE A 126 1.54 -7.74 1.43
CA ILE A 126 2.95 -7.46 1.31
C ILE A 126 3.22 -6.01 1.59
N VAL A 127 4.12 -5.78 2.52
CA VAL A 127 4.53 -4.46 2.92
C VAL A 127 5.96 -4.31 2.45
N SER A 128 6.38 -3.07 2.21
CA SER A 128 7.73 -2.87 1.71
C SER A 128 8.23 -1.50 2.07
N GLY A 129 9.53 -1.25 1.86
CA GLY A 129 10.11 0.05 2.17
C GLY A 129 11.61 0.08 2.39
N PHE A 130 12.13 1.27 2.64
CA PHE A 130 13.55 1.49 2.86
C PHE A 130 13.90 1.70 4.33
N GLY A 131 12.98 1.37 5.24
CA GLY A 131 13.19 1.55 6.68
C GLY A 131 14.15 0.55 7.32
N ARG A 132 14.38 0.69 8.61
CA ARG A 132 15.32 -0.15 9.35
C ARG A 132 15.12 -1.65 9.24
N THR A 133 16.24 -2.37 9.29
CA THR A 133 16.24 -3.83 9.21
C THR A 133 16.27 -4.43 10.61
N HIS A 134 16.45 -3.55 11.60
CA HIS A 134 16.41 -3.91 13.03
C HIS A 134 15.88 -2.68 13.76
N GLU A 135 15.23 -2.89 14.90
CA GLU A 135 14.63 -1.78 15.64
C GLU A 135 15.60 -0.61 15.95
N LYS A 136 16.85 -0.91 16.30
CA LYS A 136 17.81 0.16 16.60
C LYS A 136 18.76 0.57 15.46
N GLY A 137 18.74 -0.17 14.34
CA GLY A 137 19.61 0.08 13.18
C GLY A 137 19.41 1.37 12.38
N ARG A 138 20.00 1.46 11.20
CA ARG A 138 19.80 2.65 10.37
C ARG A 138 18.95 2.32 9.15
N GLN A 139 18.55 3.35 8.40
CA GLN A 139 17.70 3.16 7.21
C GLN A 139 18.39 2.23 6.21
N SER A 140 17.63 1.32 5.61
CA SER A 140 18.19 0.39 4.62
C SER A 140 18.47 1.11 3.28
N THR A 141 19.52 0.70 2.57
CA THR A 141 19.82 1.31 1.28
C THR A 141 19.16 0.51 0.15
N ARG A 142 18.66 -0.67 0.48
CA ARG A 142 17.95 -1.51 -0.49
C ARG A 142 16.46 -1.59 -0.19
N LEU A 143 15.64 -1.52 -1.23
CA LEU A 143 14.22 -1.66 -1.06
C LEU A 143 13.91 -3.07 -0.62
N LYS A 144 13.11 -3.20 0.45
CA LYS A 144 12.72 -4.53 0.92
C LYS A 144 11.20 -4.78 0.93
N MET A 145 10.83 -6.05 0.88
CA MET A 145 9.44 -6.41 0.91
C MET A 145 9.28 -7.55 1.92
N LEU A 146 8.09 -7.72 2.45
CA LEU A 146 7.84 -8.75 3.43
C LEU A 146 6.40 -9.19 3.36
N GLU A 147 6.19 -10.49 3.24
CA GLU A 147 4.86 -11.06 3.26
C GLU A 147 4.37 -11.07 4.71
N VAL A 148 3.22 -10.44 4.98
CA VAL A 148 2.67 -10.36 6.34
C VAL A 148 1.24 -10.86 6.39
N PRO A 149 0.98 -11.82 7.29
CA PRO A 149 -0.36 -12.36 7.41
C PRO A 149 -1.37 -11.36 7.98
N TYR A 150 -2.60 -11.46 7.51
CA TYR A 150 -3.65 -10.67 8.10
C TYR A 150 -3.85 -11.21 9.49
N VAL A 151 -4.05 -10.31 10.45
CA VAL A 151 -4.28 -10.74 11.81
C VAL A 151 -5.74 -10.55 12.21
N ASP A 152 -6.33 -11.63 12.73
CA ASP A 152 -7.68 -11.60 13.28
C ASP A 152 -7.82 -10.31 14.09
N ARG A 153 -8.94 -9.63 13.88
CA ARG A 153 -9.19 -8.35 14.55
C ARG A 153 -9.25 -8.45 16.06
N ASN A 154 -9.82 -9.53 16.55
CA ASN A 154 -9.89 -9.76 18.00
C ASN A 154 -8.48 -9.86 18.62
N SER A 155 -7.66 -10.74 18.07
CA SER A 155 -6.30 -10.93 18.58
C SER A 155 -5.52 -9.63 18.59
N CYS A 156 -5.60 -8.91 17.48
CA CYS A 156 -4.95 -7.63 17.32
C CYS A 156 -5.28 -6.66 18.46
N LYS A 157 -6.57 -6.49 18.78
CA LYS A 157 -6.95 -5.60 19.87
C LYS A 157 -6.39 -6.10 21.20
N LEU A 158 -6.53 -7.39 21.46
CA LEU A 158 -6.00 -7.94 22.69
C LEU A 158 -4.50 -7.71 22.84
N SER A 159 -3.77 -7.80 21.73
CA SER A 159 -2.32 -7.63 21.74
C SER A 159 -1.85 -6.21 21.93
N SER A 160 -2.74 -5.25 21.70
CA SER A 160 -2.36 -3.84 21.68
C SER A 160 -2.56 -3.05 22.95
N SER A 161 -1.53 -2.30 23.32
CA SER A 161 -1.54 -1.42 24.47
C SER A 161 -2.36 -0.19 24.17
N PHE A 162 -2.68 0.00 22.89
CA PHE A 162 -3.43 1.19 22.48
C PHE A 162 -4.67 0.82 21.67
N ILE A 163 -5.56 1.78 21.46
CA ILE A 163 -6.78 1.46 20.75
C ILE A 163 -6.63 1.30 19.22
N ILE A 164 -7.12 0.17 18.73
CA ILE A 164 -7.13 -0.14 17.32
C ILE A 164 -8.51 0.24 16.79
N THR A 165 -8.59 1.39 16.10
CA THR A 165 -9.87 1.88 15.58
C THR A 165 -10.29 1.12 14.32
N GLN A 166 -11.47 1.45 13.79
CA GLN A 166 -11.97 0.79 12.59
C GLN A 166 -11.25 1.21 11.33
N ASN A 167 -10.46 2.28 11.42
CA ASN A 167 -9.66 2.75 10.30
C ASN A 167 -8.30 2.09 10.27
N MET A 168 -8.11 1.07 11.09
CA MET A 168 -6.84 0.39 11.16
C MET A 168 -7.01 -1.13 11.13
N PHE A 169 -5.91 -1.83 10.86
CA PHE A 169 -5.89 -3.28 10.95
C PHE A 169 -4.47 -3.73 11.26
N CYS A 170 -4.34 -4.99 11.68
CA CYS A 170 -3.07 -5.58 12.09
C CYS A 170 -2.57 -6.63 11.13
N ALA A 171 -1.26 -6.66 10.93
CA ALA A 171 -0.66 -7.66 10.03
C ALA A 171 0.74 -7.98 10.51
N GLY A 172 1.16 -9.21 10.28
CA GLY A 172 2.47 -9.61 10.76
C GLY A 172 2.48 -10.87 11.60
N TYR A 173 3.45 -10.98 12.50
CA TYR A 173 3.63 -12.22 13.25
C TYR A 173 3.62 -12.02 14.76
N ASP A 174 3.04 -12.99 15.46
CA ASP A 174 2.99 -12.98 16.91
C ASP A 174 4.40 -12.94 17.51
N THR A 175 5.28 -13.82 17.04
CA THR A 175 6.62 -13.90 17.59
C THR A 175 7.73 -13.90 16.54
N LYS A 176 7.48 -14.54 15.40
CA LYS A 176 8.47 -14.62 14.30
C LYS A 176 8.97 -13.19 14.03
N GLN A 177 10.28 -13.01 13.89
CA GLN A 177 10.84 -11.66 13.84
C GLN A 177 10.87 -10.86 12.52
N GLU A 178 9.70 -10.64 11.96
CA GLU A 178 9.56 -9.90 10.72
C GLU A 178 8.47 -8.88 10.93
N ASP A 179 8.73 -7.64 10.52
CA ASP A 179 7.77 -6.54 10.70
C ASP A 179 8.25 -5.36 9.87
N ALA A 180 7.42 -4.32 9.77
CA ALA A 180 7.85 -3.08 9.14
C ALA A 180 8.61 -2.45 10.27
N CYS A 181 9.15 -1.25 10.06
CA CYS A 181 9.93 -0.57 11.09
C CYS A 181 10.14 0.90 10.76
N GLN A 182 10.94 1.62 11.55
CA GLN A 182 11.11 3.05 11.30
C GLN A 182 11.61 3.34 9.90
N GLY A 183 10.92 4.27 9.22
CA GLY A 183 11.27 4.65 7.86
C GLY A 183 10.28 4.08 6.86
N ASP A 184 9.66 2.96 7.22
CA ASP A 184 8.68 2.28 6.36
C ASP A 184 7.32 3.01 6.34
N SER A 185 7.03 3.77 7.39
CA SER A 185 5.77 4.52 7.49
C SER A 185 5.34 5.23 6.20
N GLY A 186 4.04 5.24 5.95
CA GLY A 186 3.49 5.84 4.74
C GLY A 186 3.56 4.89 3.56
N GLY A 187 4.40 3.87 3.67
CA GLY A 187 4.63 2.93 2.58
C GLY A 187 3.47 2.01 2.22
N PRO A 188 3.66 1.20 1.16
CA PRO A 188 2.62 0.29 0.67
C PRO A 188 2.37 -0.97 1.47
N HIS A 189 1.08 -1.26 1.68
CA HIS A 189 0.65 -2.60 2.07
C HIS A 189 -0.28 -2.97 0.91
N VAL A 190 0.12 -3.94 0.09
CA VAL A 190 -0.67 -4.39 -1.06
C VAL A 190 -1.05 -5.88 -0.93
N THR A 191 -2.17 -6.28 -1.53
CA THR A 191 -2.62 -7.65 -1.47
C THR A 191 -2.79 -8.12 -2.92
N ARG A 192 -2.26 -9.29 -3.18
CA ARG A 192 -2.24 -9.87 -4.51
C ARG A 192 -3.46 -10.74 -4.73
N PHE A 193 -4.07 -10.58 -5.90
CA PHE A 193 -5.18 -11.42 -6.32
C PHE A 193 -5.00 -11.77 -7.78
N LYS A 194 -4.91 -13.06 -8.09
CA LYS A 194 -4.63 -13.50 -9.48
C LYS A 194 -3.58 -12.63 -10.16
N ASP A 195 -2.41 -12.52 -9.58
CA ASP A 195 -1.36 -11.73 -10.22
C ASP A 195 -1.54 -10.21 -10.41
N THR A 196 -2.55 -9.61 -9.76
CA THR A 196 -2.66 -8.17 -9.77
C THR A 196 -2.52 -7.70 -8.30
N TYR A 197 -1.81 -6.60 -8.06
CA TYR A 197 -1.63 -6.10 -6.68
C TYR A 197 -2.48 -4.86 -6.38
N PHE A 198 -3.24 -4.92 -5.29
CA PHE A 198 -4.11 -3.82 -4.89
C PHE A 198 -3.67 -3.15 -3.59
N VAL A 199 -3.69 -1.83 -3.52
CA VAL A 199 -3.37 -1.13 -2.28
C VAL A 199 -4.41 -1.51 -1.23
N THR A 200 -3.97 -1.96 -0.07
CA THR A 200 -4.90 -2.33 0.97
C THR A 200 -4.56 -1.67 2.29
N GLY A 201 -3.32 -1.19 2.41
CA GLY A 201 -2.92 -0.60 3.67
C GLY A 201 -1.86 0.45 3.49
N ILE A 202 -1.64 1.24 4.54
CA ILE A 202 -0.60 2.25 4.57
C ILE A 202 0.14 1.94 5.86
N VAL A 203 1.47 1.74 5.80
CA VAL A 203 2.27 1.48 7.02
C VAL A 203 2.03 2.62 8.04
N SER A 204 1.48 2.30 9.21
CA SER A 204 1.10 3.38 10.13
C SER A 204 1.92 3.50 11.42
N TRP A 205 1.87 2.47 12.25
CA TRP A 205 2.60 2.50 13.52
C TRP A 205 2.68 1.09 14.10
N GLY A 206 3.51 0.95 15.14
CA GLY A 206 3.74 -0.32 15.83
C GLY A 206 4.42 0.01 17.15
N GLU A 207 4.31 -0.87 18.14
CA GLU A 207 4.98 -0.67 19.43
C GLU A 207 6.39 -1.22 19.26
N GLY A 208 7.23 -0.41 18.61
CA GLY A 208 8.58 -0.84 18.24
C GLY A 208 8.53 -1.59 16.91
N CYS A 209 9.47 -2.51 16.72
CA CYS A 209 9.54 -3.30 15.50
C CYS A 209 9.74 -4.77 15.81
N ALA A 210 8.85 -5.60 15.29
CA ALA A 210 8.94 -7.06 15.42
C ALA A 210 8.84 -7.61 16.84
N ARG A 211 8.56 -6.75 17.82
CA ARG A 211 8.42 -7.20 19.22
C ARG A 211 7.43 -8.37 19.34
N LYS A 212 7.74 -9.30 20.25
CA LYS A 212 6.89 -10.48 20.48
C LYS A 212 5.52 -10.06 21.00
N GLY A 213 4.48 -10.74 20.51
CA GLY A 213 3.09 -10.44 20.88
C GLY A 213 2.57 -9.10 20.37
N LYS A 214 3.31 -8.47 19.46
CA LYS A 214 2.84 -7.23 18.86
C LYS A 214 2.73 -7.38 17.35
N TYR A 215 1.91 -6.53 16.74
CA TYR A 215 1.72 -6.58 15.29
C TYR A 215 1.97 -5.22 14.65
N GLY A 216 2.10 -5.17 13.33
CA GLY A 216 2.24 -3.89 12.62
C GLY A 216 0.83 -3.33 12.47
N ILE A 217 0.66 -2.03 12.68
CA ILE A 217 -0.66 -1.44 12.55
C ILE A 217 -0.76 -0.61 11.27
N TYR A 218 -1.77 -0.91 10.45
CA TYR A 218 -1.92 -0.24 9.15
C TYR A 218 -3.21 0.56 9.05
N THR A 219 -3.16 1.65 8.29
CA THR A 219 -4.35 2.41 7.98
C THR A 219 -5.14 1.55 6.97
N LYS A 220 -6.42 1.33 7.27
CA LYS A 220 -7.28 0.47 6.46
C LYS A 220 -7.76 1.24 5.25
N VAL A 221 -7.07 1.02 4.13
CA VAL A 221 -7.35 1.76 2.90
C VAL A 221 -8.80 1.68 2.38
N THR A 222 -9.46 0.54 2.61
CA THR A 222 -10.84 0.38 2.18
C THR A 222 -11.75 1.45 2.83
N ALA A 223 -11.39 1.89 4.03
CA ALA A 223 -12.19 2.86 4.75
C ALA A 223 -12.10 4.27 4.14
N PHE A 224 -11.16 4.50 3.23
CA PHE A 224 -10.97 5.83 2.65
C PHE A 224 -10.99 5.86 1.13
N LEU A 225 -11.58 4.84 0.53
CA LEU A 225 -11.57 4.78 -0.92
C LEU A 225 -12.20 6.00 -1.55
N LYS A 226 -13.42 6.34 -1.14
CA LYS A 226 -14.09 7.52 -1.71
C LYS A 226 -13.29 8.79 -1.49
N TRP A 227 -12.79 8.94 -0.27
CA TRP A 227 -11.95 10.07 0.08
C TRP A 227 -10.77 10.17 -0.91
N ILE A 228 -10.16 9.02 -1.19
CA ILE A 228 -9.03 9.00 -2.10
C ILE A 228 -9.48 9.42 -3.49
N ASP A 229 -10.59 8.87 -3.96
CA ASP A 229 -11.09 9.28 -5.27
C ASP A 229 -11.32 10.79 -5.32
N ARG A 230 -12.01 11.33 -4.29
CA ARG A 230 -12.26 12.76 -4.21
C ARG A 230 -10.96 13.56 -4.17
N SER A 231 -9.97 13.04 -3.44
CA SER A 231 -8.66 13.69 -3.36
C SER A 231 -8.00 13.78 -4.74
N MET A 232 -8.25 12.79 -5.59
CA MET A 232 -7.64 12.78 -6.91
C MET A 232 -8.42 13.65 -7.89
N LYS A 233 -9.76 13.60 -7.82
CA LYS A 233 -10.62 14.39 -8.70
C LYS A 233 -10.90 15.79 -8.17
N ARG B 81 -21.11 -22.05 -0.90
CA ARG B 81 -20.79 -20.73 -1.54
C ARG B 81 -21.33 -20.66 -2.97
N LYS B 82 -21.81 -19.49 -3.37
CA LYS B 82 -22.34 -19.31 -4.72
C LYS B 82 -21.78 -18.03 -5.33
N LEU B 83 -22.31 -17.68 -6.50
CA LEU B 83 -21.89 -16.48 -7.22
C LEU B 83 -20.50 -15.99 -6.81
N CYS B 84 -20.40 -14.72 -6.43
CA CYS B 84 -19.10 -14.13 -6.07
C CYS B 84 -18.37 -14.87 -4.96
N SER B 85 -19.06 -15.67 -4.15
CA SER B 85 -18.35 -16.40 -3.08
C SER B 85 -17.69 -17.66 -3.63
N LEU B 86 -18.07 -18.01 -4.86
CA LEU B 86 -17.49 -19.15 -5.56
C LEU B 86 -16.37 -18.71 -6.52
N ASP B 87 -15.13 -18.95 -6.11
CA ASP B 87 -13.95 -18.55 -6.91
C ASP B 87 -14.12 -17.17 -7.57
N ASN B 88 -14.48 -16.16 -6.77
CA ASN B 88 -14.64 -14.78 -7.26
C ASN B 88 -15.58 -14.69 -8.46
N GLY B 89 -16.44 -15.70 -8.60
CA GLY B 89 -17.44 -15.74 -9.67
C GLY B 89 -16.76 -15.84 -11.02
N ASP B 90 -15.53 -16.34 -10.99
CA ASP B 90 -14.71 -16.51 -12.20
C ASP B 90 -14.16 -15.20 -12.75
N CYS B 91 -14.40 -14.09 -12.06
CA CYS B 91 -13.89 -12.77 -12.48
C CYS B 91 -12.40 -12.61 -12.22
N ASP B 92 -11.72 -11.85 -13.08
CA ASP B 92 -10.30 -11.53 -12.83
C ASP B 92 -10.10 -10.56 -11.66
N GLN B 93 -11.02 -9.63 -11.48
CA GLN B 93 -10.87 -8.64 -10.43
C GLN B 93 -12.19 -8.48 -9.68
N PHE B 94 -12.87 -7.34 -9.83
CA PHE B 94 -14.07 -7.11 -9.02
C PHE B 94 -15.24 -8.01 -9.36
N CYS B 95 -15.84 -8.59 -8.31
CA CYS B 95 -17.03 -9.41 -8.48
C CYS B 95 -18.19 -8.84 -7.64
N HIS B 96 -19.30 -8.53 -8.33
CA HIS B 96 -20.52 -8.10 -7.67
C HIS B 96 -21.65 -9.02 -8.06
N GLU B 97 -22.62 -9.17 -7.15
CA GLU B 97 -23.80 -9.98 -7.41
C GLU B 97 -24.97 -9.03 -7.63
N GLU B 98 -25.56 -9.06 -8.83
CA GLU B 98 -26.70 -8.20 -9.15
C GLU B 98 -27.84 -9.03 -9.71
N GLN B 99 -28.99 -8.96 -9.05
CA GLN B 99 -30.16 -9.73 -9.49
C GLN B 99 -29.82 -11.22 -9.43
N ASN B 100 -29.06 -11.60 -8.42
CA ASN B 100 -28.66 -12.99 -8.26
C ASN B 100 -27.82 -13.52 -9.45
N SER B 101 -27.01 -12.66 -10.05
CA SER B 101 -26.09 -13.10 -11.12
C SER B 101 -24.78 -12.28 -11.11
N VAL B 102 -23.67 -12.99 -11.26
CA VAL B 102 -22.36 -12.36 -11.22
C VAL B 102 -22.17 -11.27 -12.27
N VAL B 103 -21.62 -10.14 -11.84
CA VAL B 103 -21.19 -9.07 -12.74
C VAL B 103 -19.73 -8.77 -12.35
N CYS B 104 -18.82 -8.81 -13.34
CA CYS B 104 -17.40 -8.60 -13.10
C CYS B 104 -17.03 -7.22 -13.58
N SER B 105 -16.01 -6.63 -12.97
CA SER B 105 -15.51 -5.34 -13.45
C SER B 105 -14.00 -5.24 -13.18
N CYS B 106 -13.37 -4.20 -13.66
CA CYS B 106 -11.95 -4.09 -13.56
C CYS B 106 -11.55 -2.73 -13.06
N ALA B 107 -10.40 -2.67 -12.40
CA ALA B 107 -9.84 -1.42 -11.99
C ALA B 107 -9.64 -0.54 -13.20
N ARG B 108 -9.24 0.71 -12.95
CA ARG B 108 -9.05 1.66 -14.02
C ARG B 108 -7.80 1.31 -14.81
N GLY B 109 -7.90 1.48 -16.12
CA GLY B 109 -6.81 1.14 -17.00
C GLY B 109 -7.00 -0.25 -17.57
N TYR B 110 -8.08 -0.94 -17.17
CA TYR B 110 -8.39 -2.25 -17.72
C TYR B 110 -9.76 -2.20 -18.39
N THR B 111 -9.95 -3.05 -19.38
CA THR B 111 -11.23 -3.13 -20.06
C THR B 111 -11.76 -4.53 -19.78
N LEU B 112 -13.04 -4.66 -19.45
CA LEU B 112 -13.64 -5.98 -19.27
C LEU B 112 -13.62 -6.69 -20.62
N ALA B 113 -13.12 -7.93 -20.66
CA ALA B 113 -13.04 -8.70 -21.92
C ALA B 113 -14.39 -9.12 -22.46
N ASP B 114 -14.41 -9.57 -23.72
CA ASP B 114 -15.65 -10.08 -24.31
C ASP B 114 -16.36 -11.09 -23.41
N ASN B 115 -15.63 -12.03 -22.83
CA ASN B 115 -16.26 -13.05 -21.98
C ASN B 115 -16.90 -12.45 -20.72
N GLY B 116 -16.69 -11.14 -20.52
CA GLY B 116 -17.24 -10.44 -19.36
C GLY B 116 -16.63 -10.82 -18.02
N LYS B 117 -15.48 -11.47 -18.03
CA LYS B 117 -14.87 -11.89 -16.76
C LYS B 117 -13.44 -11.41 -16.63
N ALA B 118 -12.67 -11.56 -17.69
CA ALA B 118 -11.26 -11.21 -17.72
C ALA B 118 -11.05 -9.70 -17.89
N CYS B 119 -9.93 -9.20 -17.37
CA CYS B 119 -9.61 -7.78 -17.49
C CYS B 119 -8.37 -7.60 -18.35
N ILE B 120 -8.46 -6.72 -19.33
CA ILE B 120 -7.39 -6.51 -20.27
C ILE B 120 -6.85 -5.10 -20.11
N PRO B 121 -5.53 -4.97 -19.98
CA PRO B 121 -4.84 -3.68 -19.83
C PRO B 121 -4.99 -2.87 -21.08
N THR B 122 -5.32 -1.59 -20.96
CA THR B 122 -5.47 -0.72 -22.12
C THR B 122 -4.11 -0.26 -22.62
N GLY B 123 -3.18 -0.03 -21.69
CA GLY B 123 -1.86 0.46 -22.04
C GLY B 123 -0.74 -0.33 -21.42
N PRO B 124 0.43 0.26 -21.64
N PRO B 124 0.56 0.05 -21.56
CA PRO B 124 1.52 -0.17 -20.91
CA PRO B 124 1.79 -0.81 -21.19
C PRO B 124 1.32 0.44 -19.56
C PRO B 124 2.39 -1.07 -19.72
N TYR B 125 1.89 -0.35 -18.76
CA TYR B 125 2.11 -0.25 -17.39
C TYR B 125 0.77 -0.12 -16.64
N PRO B 126 -0.11 -1.14 -16.77
CA PRO B 126 -1.37 -1.13 -16.06
C PRO B 126 -1.11 -1.28 -14.56
N CYS B 127 -2.04 -0.80 -13.74
CA CYS B 127 -1.84 -0.84 -12.32
C CYS B 127 -1.78 -2.28 -11.79
N GLY B 128 -1.03 -2.44 -10.70
CA GLY B 128 -0.95 -3.73 -10.02
C GLY B 128 -0.17 -4.84 -10.69
N LYS B 129 0.51 -4.55 -11.79
CA LYS B 129 1.36 -5.55 -12.46
C LYS B 129 2.83 -5.33 -12.16
N GLN B 130 3.49 -6.37 -11.68
CA GLN B 130 4.95 -6.29 -11.51
C GLN B 130 5.52 -6.09 -12.93
N THR B 131 6.62 -5.36 -13.04
CA THR B 131 7.20 -5.07 -14.35
C THR B 131 8.42 -5.96 -14.63
N LEU B 132 8.16 -7.23 -14.91
CA LEU B 132 9.25 -8.20 -15.09
C LEU B 132 9.59 -8.38 -16.58
#